data_5WJF
#
_entry.id   5WJF
#
_cell.length_a   65.050
_cell.length_b   67.760
_cell.length_c   87.990
_cell.angle_alpha   90.000
_cell.angle_beta   90.000
_cell.angle_gamma   90.000
#
_symmetry.space_group_name_H-M   'P 21 21 2'
#
loop_
_entity.id
_entity.type
_entity.pdbx_description
1 polymer 'Tumor necrosis factor receptor superfamily member 9'
2 non-polymer 2-acetamido-2-deoxy-beta-D-glucopyranose
3 non-polymer 1,2-ETHANEDIOL
4 water water
#
_entity_poly.entity_id   1
_entity_poly.type   'polypeptide(L)'
_entity_poly.pdbx_seq_one_letter_code
;LEVQNSCDNCQPGTFCRKYNPVCKSCPPSTFSSIGGQPNCNICRVCAGYFRFKKFCSSTHNAECECIEGFHCLGPQCTRC
EKDCRPGQELTKQGCKTCSLGTFNDQNGTGVCRPWTNCSLDGRSVLKTGTTEKDVVCGPLVPR
;
_entity_poly.pdbx_strand_id   A,B
#
loop_
_chem_comp.id
_chem_comp.type
_chem_comp.name
_chem_comp.formula
EDO non-polymer 1,2-ETHANEDIOL 'C2 H6 O2'
NAG D-saccharide, beta linking 2-acetamido-2-deoxy-beta-D-glucopyranose 'C8 H15 N O6'
#
# COMPACT_ATOMS: atom_id res chain seq x y z
N SER A 6 3.23 -30.61 -14.20
CA SER A 6 2.14 -30.79 -13.19
C SER A 6 2.11 -29.63 -12.19
N CYS A 7 3.29 -29.33 -11.62
CA CYS A 7 3.44 -28.18 -10.71
C CYS A 7 3.22 -26.83 -11.40
N ASP A 8 3.37 -26.78 -12.73
CA ASP A 8 3.09 -25.57 -13.51
C ASP A 8 1.62 -25.13 -13.48
N ASN A 9 0.73 -26.04 -13.12
CA ASN A 9 -0.68 -25.70 -12.85
C ASN A 9 -0.89 -24.92 -11.54
N CYS A 10 0.09 -24.93 -10.63
CA CYS A 10 0.00 -24.15 -9.39
C CYS A 10 0.09 -22.65 -9.64
N GLN A 11 -0.53 -21.88 -8.76
CA GLN A 11 -0.59 -20.42 -8.85
C GLN A 11 0.29 -19.77 -7.78
N PRO A 12 0.47 -18.42 -7.84
CA PRO A 12 1.33 -17.78 -6.85
C PRO A 12 0.89 -17.96 -5.41
N GLY A 13 1.86 -17.93 -4.50
CA GLY A 13 1.64 -18.20 -3.08
C GLY A 13 1.70 -19.66 -2.69
N THR A 14 2.29 -20.48 -3.56
CA THR A 14 2.45 -21.91 -3.29
C THR A 14 3.83 -22.40 -3.71
N PHE A 15 4.23 -23.55 -3.16
CA PHE A 15 5.40 -24.30 -3.65
C PHE A 15 5.00 -25.73 -3.98
N CYS A 16 5.79 -26.37 -4.82
CA CYS A 16 5.48 -27.67 -5.39
C CYS A 16 6.75 -28.37 -5.85
N ARG A 17 6.94 -29.61 -5.41
CA ARG A 17 8.11 -30.41 -5.77
C ARG A 17 7.69 -31.47 -6.79
N LYS A 18 8.48 -31.61 -7.86
CA LYS A 18 8.09 -32.41 -9.04
C LYS A 18 7.91 -33.91 -8.74
N TYR A 19 8.65 -34.42 -7.76
CA TYR A 19 8.52 -35.82 -7.33
C TYR A 19 7.16 -36.15 -6.66
N ASN A 20 6.54 -35.13 -6.04
CA ASN A 20 5.26 -35.29 -5.34
C ASN A 20 4.42 -34.02 -5.54
N PRO A 21 3.70 -33.92 -6.68
CA PRO A 21 3.01 -32.67 -7.02
C PRO A 21 1.88 -32.29 -6.06
N VAL A 22 2.06 -31.18 -5.35
CA VAL A 22 1.03 -30.57 -4.49
C VAL A 22 1.25 -29.05 -4.47
N CYS A 23 0.17 -28.28 -4.61
CA CYS A 23 0.24 -26.81 -4.52
C CYS A 23 0.07 -26.35 -3.07
N LYS A 24 1.10 -26.56 -2.25
CA LYS A 24 1.05 -26.22 -0.82
C LYS A 24 1.29 -24.74 -0.61
N SER A 25 0.53 -24.13 0.29
CA SER A 25 0.70 -22.71 0.63
C SER A 25 2.10 -22.42 1.16
N CYS A 26 2.65 -21.27 0.75
CA CYS A 26 3.91 -20.77 1.30
C CYS A 26 3.78 -20.66 2.82
N PRO A 27 4.79 -21.12 3.58
CA PRO A 27 4.71 -20.95 5.03
C PRO A 27 4.79 -19.48 5.44
N PRO A 28 4.59 -19.16 6.73
CA PRO A 28 4.69 -17.78 7.19
C PRO A 28 6.04 -17.10 6.86
N SER A 29 6.02 -15.78 6.74
CA SER A 29 7.22 -14.97 6.49
C SER A 29 7.96 -15.43 5.23
N THR A 30 7.19 -15.72 4.18
CA THR A 30 7.71 -16.38 2.98
C THR A 30 6.72 -16.12 1.80
N PHE A 31 7.23 -16.04 0.56
CA PHE A 31 6.40 -15.71 -0.61
C PHE A 31 6.85 -16.33 -1.92
N SER A 32 5.98 -16.29 -2.93
CA SER A 32 6.36 -16.60 -4.31
C SER A 32 5.41 -15.93 -5.31
N SER A 33 5.95 -15.00 -6.10
CA SER A 33 5.18 -14.23 -7.07
C SER A 33 4.80 -15.01 -8.31
N ILE A 34 5.60 -16.04 -8.63
CA ILE A 34 5.27 -17.01 -9.67
C ILE A 34 4.88 -18.31 -8.96
N GLY A 35 3.92 -19.03 -9.51
CA GLY A 35 3.46 -20.28 -8.93
C GLY A 35 4.36 -21.46 -9.22
N GLY A 36 4.31 -22.46 -8.35
CA GLY A 36 4.79 -23.81 -8.66
C GLY A 36 6.28 -24.05 -8.71
N GLN A 37 7.06 -23.24 -8.00
CA GLN A 37 8.50 -23.47 -7.88
C GLN A 37 8.72 -24.44 -6.72
N PRO A 38 9.90 -25.10 -6.67
CA PRO A 38 10.19 -26.05 -5.55
C PRO A 38 10.29 -25.43 -4.15
N ASN A 39 10.46 -24.11 -4.08
CA ASN A 39 10.55 -23.40 -2.79
C ASN A 39 9.97 -21.99 -2.90
N CYS A 40 9.57 -21.45 -1.75
CA CYS A 40 9.11 -20.06 -1.65
C CYS A 40 10.28 -19.20 -1.17
N ASN A 41 10.32 -17.94 -1.62
CA ASN A 41 11.38 -16.99 -1.25
C ASN A 41 11.16 -16.39 0.13
N ILE A 42 12.25 -15.96 0.76
CA ILE A 42 12.23 -15.46 2.14
C ILE A 42 11.76 -14.00 2.13
N CYS A 43 10.91 -13.65 3.10
CA CYS A 43 10.40 -12.28 3.22
C CYS A 43 11.47 -11.35 3.76
N ARG A 44 11.59 -10.18 3.14
CA ARG A 44 12.49 -9.14 3.62
C ARG A 44 11.89 -8.46 4.83
N VAL A 45 12.66 -8.36 5.91
CA VAL A 45 12.24 -7.64 7.11
C VAL A 45 12.77 -6.20 7.00
N CYS A 46 11.95 -5.23 7.44
CA CYS A 46 12.27 -3.81 7.38
C CYS A 46 12.42 -3.26 8.80
N ALA A 47 13.67 -3.11 9.24
CA ALA A 47 13.97 -2.57 10.57
C ALA A 47 15.25 -1.75 10.57
N GLY A 48 15.51 -1.06 11.69
CA GLY A 48 16.64 -0.16 11.84
C GLY A 48 16.38 1.17 11.16
N TYR A 49 17.10 1.44 10.08
CA TYR A 49 16.86 2.61 9.24
C TYR A 49 15.63 2.44 8.34
N PHE A 50 15.15 1.21 8.21
CA PHE A 50 13.99 0.92 7.40
C PHE A 50 12.72 0.74 8.22
N ARG A 51 11.57 0.95 7.56
CA ARG A 51 10.25 0.62 8.08
C ARG A 51 9.43 0.03 6.94
N PHE A 52 8.36 -0.69 7.27
CA PHE A 52 7.49 -1.29 6.25
C PHE A 52 6.64 -0.23 5.55
N LYS A 53 6.78 -0.15 4.22
CA LYS A 53 5.80 0.52 3.37
C LYS A 53 4.65 -0.42 3.13
N LYS A 54 4.98 -1.67 2.83
CA LYS A 54 4.01 -2.73 2.55
C LYS A 54 4.47 -4.04 3.17
N PHE A 55 3.57 -4.73 3.89
CA PHE A 55 3.92 -6.00 4.52
C PHE A 55 4.05 -7.12 3.50
N CYS A 56 4.78 -8.17 3.89
CA CYS A 56 4.93 -9.37 3.06
C CYS A 56 3.58 -10.09 2.99
N SER A 57 3.28 -10.65 1.82
CA SER A 57 2.14 -11.56 1.64
C SER A 57 2.66 -12.85 1.01
N SER A 58 1.75 -13.79 0.76
CA SER A 58 2.09 -15.06 0.12
C SER A 58 2.54 -14.88 -1.35
N THR A 59 2.11 -13.80 -2.01
CA THR A 59 2.42 -13.59 -3.43
C THR A 59 3.43 -12.48 -3.74
N HIS A 60 3.78 -11.64 -2.78
CA HIS A 60 4.79 -10.60 -3.01
C HIS A 60 5.60 -10.30 -1.77
N ASN A 61 6.82 -9.82 -2.01
CA ASN A 61 7.76 -9.47 -0.95
C ASN A 61 7.25 -8.22 -0.23
N ALA A 62 7.72 -8.03 0.99
CA ALA A 62 7.51 -6.76 1.68
C ALA A 62 8.35 -5.71 0.99
N GLU A 63 7.86 -4.48 1.05
CA GLU A 63 8.59 -3.31 0.54
C GLU A 63 8.96 -2.42 1.71
N CYS A 64 10.19 -1.93 1.71
CA CYS A 64 10.70 -1.08 2.78
C CYS A 64 10.64 0.41 2.42
N GLU A 65 10.75 1.22 3.45
CA GLU A 65 10.72 2.67 3.41
C GLU A 65 11.82 3.12 4.36
N CYS A 66 12.31 4.36 4.24
CA CYS A 66 13.35 4.86 5.15
C CYS A 66 12.74 5.72 6.25
N ILE A 67 13.38 5.71 7.43
CA ILE A 67 12.95 6.55 8.58
C ILE A 67 13.06 8.05 8.30
N GLU A 68 12.57 8.85 9.24
CA GLU A 68 12.69 10.31 9.21
C GLU A 68 14.13 10.77 9.06
N GLY A 69 14.36 11.71 8.14
CA GLY A 69 15.70 12.25 7.88
C GLY A 69 16.51 11.48 6.85
N PHE A 70 15.97 10.37 6.34
CA PHE A 70 16.61 9.55 5.32
C PHE A 70 15.64 9.30 4.16
N HIS A 71 16.20 8.92 3.02
CA HIS A 71 15.42 8.59 1.81
C HIS A 71 15.95 7.32 1.15
N CYS A 72 15.10 6.66 0.38
CA CYS A 72 15.44 5.39 -0.28
C CYS A 72 16.47 5.57 -1.38
N LEU A 73 17.32 4.57 -1.51
CA LEU A 73 18.36 4.54 -2.53
C LEU A 73 18.26 3.19 -3.22
N GLY A 74 18.14 3.21 -4.55
CA GLY A 74 17.98 2.01 -5.36
C GLY A 74 16.52 1.65 -5.57
N PRO A 75 16.24 0.79 -6.58
CA PRO A 75 14.85 0.46 -6.95
C PRO A 75 14.04 -0.31 -5.89
N GLN A 76 14.69 -1.17 -5.11
CA GLN A 76 14.01 -1.95 -4.05
C GLN A 76 14.22 -1.34 -2.64
N CYS A 77 14.59 -0.05 -2.59
CA CYS A 77 14.98 0.62 -1.36
C CYS A 77 15.93 -0.22 -0.49
N THR A 78 17.02 -0.70 -1.09
CA THR A 78 17.99 -1.55 -0.38
C THR A 78 18.95 -0.77 0.53
N ARG A 79 19.03 0.54 0.36
CA ARG A 79 19.83 1.40 1.23
C ARG A 79 19.09 2.69 1.51
N CYS A 80 19.27 3.23 2.70
CA CYS A 80 18.90 4.59 3.02
C CYS A 80 20.11 5.51 2.89
N GLU A 81 19.85 6.74 2.48
CA GLU A 81 20.87 7.78 2.38
C GLU A 81 20.42 8.95 3.24
N LYS A 82 21.36 9.59 3.92
CA LYS A 82 21.06 10.79 4.71
C LYS A 82 20.53 11.88 3.79
N ASP A 83 19.53 12.62 4.27
CA ASP A 83 18.93 13.70 3.48
C ASP A 83 20.01 14.72 3.15
N CYS A 84 19.93 15.29 1.94
CA CYS A 84 21.01 16.07 1.38
C CYS A 84 21.26 17.39 2.14
N ARG A 85 22.47 17.92 1.97
CA ARG A 85 22.91 19.16 2.59
C ARG A 85 22.83 20.30 1.59
N PRO A 86 22.97 21.56 2.06
CA PRO A 86 23.14 22.65 1.11
C PRO A 86 24.33 22.37 0.18
N GLY A 87 24.23 22.83 -1.07
CA GLY A 87 25.19 22.49 -2.09
C GLY A 87 24.88 21.20 -2.84
N GLN A 88 23.79 20.51 -2.45
CA GLN A 88 23.35 19.27 -3.08
C GLN A 88 21.84 19.31 -3.35
N GLU A 89 21.42 18.51 -4.34
CA GLU A 89 20.00 18.26 -4.61
C GLU A 89 19.76 16.76 -4.57
N LEU A 90 18.56 16.38 -4.14
CA LEU A 90 18.12 14.99 -4.14
C LEU A 90 17.63 14.62 -5.54
N THR A 91 18.44 13.86 -6.27
CA THR A 91 18.01 13.24 -7.53
C THR A 91 17.45 11.84 -7.27
N LYS A 92 16.86 11.25 -8.32
CA LYS A 92 16.35 9.87 -8.26
C LYS A 92 17.43 8.81 -8.01
N GLN A 93 18.71 9.18 -8.15
CA GLN A 93 19.85 8.31 -7.83
C GLN A 93 20.58 8.76 -6.55
N GLY A 94 19.86 9.42 -5.63
CA GLY A 94 20.45 9.97 -4.40
C GLY A 94 20.96 11.40 -4.51
N CYS A 95 21.79 11.80 -3.55
CA CYS A 95 22.29 13.17 -3.46
C CYS A 95 23.39 13.39 -4.48
N LYS A 96 23.19 14.39 -5.35
CA LYS A 96 24.22 14.86 -6.26
C LYS A 96 24.61 16.29 -5.86
N THR A 97 25.90 16.56 -5.80
CA THR A 97 26.41 17.91 -5.57
C THR A 97 26.08 18.80 -6.77
N CYS A 98 25.72 20.06 -6.51
CA CYS A 98 25.42 21.02 -7.59
C CYS A 98 26.66 21.21 -8.49
N SER A 99 26.44 21.27 -9.80
CA SER A 99 27.54 21.43 -10.78
C SER A 99 28.01 22.88 -10.83
N LEU A 100 29.19 23.09 -11.43
CA LEU A 100 29.84 24.40 -11.44
C LEU A 100 29.00 25.44 -12.19
N GLY A 101 28.52 26.45 -11.45
CA GLY A 101 27.60 27.47 -11.97
C GLY A 101 26.22 27.48 -11.33
N THR A 102 25.96 26.51 -10.43
CA THR A 102 24.63 26.33 -9.83
C THR A 102 24.76 26.24 -8.31
N PHE A 103 23.65 26.42 -7.60
CA PHE A 103 23.64 26.38 -6.14
C PHE A 103 22.32 25.92 -5.52
N ASN A 104 22.37 25.58 -4.23
CA ASN A 104 21.17 25.36 -3.41
C ASN A 104 21.52 25.66 -1.95
N ASP A 105 20.76 26.57 -1.35
CA ASP A 105 21.02 27.07 0.02
C ASP A 105 20.15 26.41 1.09
N GLN A 106 19.22 25.53 0.68
CA GLN A 106 18.29 24.85 1.60
C GLN A 106 18.86 23.52 2.11
N ASN A 107 18.49 23.16 3.34
CA ASN A 107 18.96 21.94 3.98
C ASN A 107 17.89 20.85 3.91
N GLY A 108 18.20 19.75 3.23
CA GLY A 108 17.29 18.61 3.13
C GLY A 108 16.11 18.82 2.20
N THR A 109 16.21 19.77 1.28
CA THR A 109 15.16 20.06 0.30
C THR A 109 15.65 21.07 -0.74
N GLY A 110 14.83 21.31 -1.76
CA GLY A 110 15.17 22.25 -2.82
C GLY A 110 15.96 21.59 -3.93
N VAL A 111 16.33 22.39 -4.91
CA VAL A 111 16.90 21.94 -6.18
C VAL A 111 18.02 22.91 -6.58
N CYS A 112 19.00 22.44 -7.36
CA CYS A 112 20.12 23.29 -7.78
C CYS A 112 19.69 24.32 -8.85
N ARG A 113 19.56 25.57 -8.42
CA ARG A 113 19.26 26.71 -9.32
C ARG A 113 20.54 27.32 -9.86
N PRO A 114 20.49 27.95 -11.05
CA PRO A 114 21.68 28.61 -11.59
C PRO A 114 21.92 29.97 -10.93
N TRP A 115 23.16 30.45 -10.97
CA TRP A 115 23.51 31.75 -10.35
C TRP A 115 22.84 32.91 -11.07
N THR A 116 22.48 33.94 -10.31
CA THR A 116 22.01 35.20 -10.88
C THR A 116 23.11 35.80 -11.72
N ASN A 117 22.85 36.08 -13.00
CA ASN A 117 23.77 36.84 -13.83
C ASN A 117 23.49 38.32 -13.54
N CYS A 118 24.42 38.98 -12.83
CA CYS A 118 24.22 40.36 -12.39
C CYS A 118 24.21 41.36 -13.55
N SER A 119 24.88 41.05 -14.65
CA SER A 119 24.93 41.93 -15.82
C SER A 119 23.73 41.81 -16.80
N LEU A 120 22.61 41.22 -16.36
CA LEU A 120 21.34 41.28 -17.10
C LEU A 120 20.71 42.65 -16.92
N ASP A 121 20.70 43.13 -15.68
CA ASP A 121 20.57 44.57 -15.39
C ASP A 121 21.94 45.20 -15.68
N GLY A 122 22.17 46.42 -15.20
CA GLY A 122 23.51 47.00 -15.23
C GLY A 122 24.41 46.60 -14.06
N ARG A 123 23.95 45.68 -13.20
CA ARG A 123 24.58 45.45 -11.90
C ARG A 123 25.91 44.71 -12.01
N SER A 124 26.80 44.96 -11.06
CA SER A 124 28.11 44.31 -10.97
C SER A 124 28.12 43.28 -9.84
N VAL A 125 29.13 42.42 -9.85
CA VAL A 125 29.25 41.37 -8.83
C VAL A 125 29.98 41.91 -7.61
N LEU A 126 29.33 41.84 -6.45
CA LEU A 126 29.95 42.15 -5.16
C LEU A 126 30.53 40.89 -4.49
N LYS A 127 29.79 39.79 -4.52
CA LYS A 127 30.28 38.50 -4.02
C LYS A 127 30.11 37.35 -5.03
N THR A 128 31.18 36.60 -5.20
CA THR A 128 31.24 35.38 -6.03
C THR A 128 30.30 34.27 -5.52
N GLY A 129 29.90 33.39 -6.44
CA GLY A 129 29.00 32.29 -6.13
C GLY A 129 29.69 30.98 -5.77
N THR A 130 29.00 30.15 -5.01
CA THR A 130 29.43 28.79 -4.68
C THR A 130 28.26 27.82 -4.87
N THR A 131 28.46 26.56 -4.50
CA THR A 131 27.42 25.54 -4.53
C THR A 131 26.32 25.79 -3.48
N GLU A 132 26.65 26.52 -2.41
CA GLU A 132 25.69 26.82 -1.33
C GLU A 132 25.15 28.26 -1.29
N LYS A 133 25.80 29.20 -1.97
CA LYS A 133 25.39 30.61 -1.93
C LYS A 133 25.34 31.20 -3.33
N ASP A 134 24.29 31.98 -3.60
CA ASP A 134 24.15 32.71 -4.86
C ASP A 134 25.13 33.87 -4.85
N VAL A 135 25.52 34.32 -6.03
CA VAL A 135 26.29 35.56 -6.15
C VAL A 135 25.46 36.71 -5.58
N VAL A 136 26.14 37.72 -5.05
CA VAL A 136 25.50 38.94 -4.56
C VAL A 136 25.84 40.03 -5.55
N CYS A 137 24.82 40.72 -6.07
CA CYS A 137 25.02 41.80 -7.05
C CYS A 137 25.16 43.16 -6.38
N GLY A 138 25.65 44.12 -7.14
CA GLY A 138 25.86 45.50 -6.69
C GLY A 138 24.60 46.34 -6.76
N PRO A 139 24.75 47.68 -6.87
CA PRO A 139 23.58 48.56 -6.84
C PRO A 139 22.82 48.59 -8.16
N LEU A 140 21.49 48.71 -8.08
CA LEU A 140 20.63 48.80 -9.26
C LEU A 140 20.53 50.25 -9.76
N CYS B 7 -17.74 29.04 -12.13
CA CYS B 7 -17.00 27.85 -11.61
C CYS B 7 -17.76 26.52 -11.75
N ASP B 8 -19.09 26.58 -11.76
CA ASP B 8 -19.93 25.39 -12.03
C ASP B 8 -19.67 24.81 -13.43
N ASN B 9 -19.34 25.68 -14.39
CA ASN B 9 -18.96 25.26 -15.76
C ASN B 9 -17.66 24.44 -15.87
N CYS B 10 -16.83 24.42 -14.82
CA CYS B 10 -15.70 23.48 -14.72
C CYS B 10 -16.20 22.04 -14.49
N GLN B 11 -15.30 21.09 -14.72
CA GLN B 11 -15.61 19.65 -14.71
C GLN B 11 -14.75 18.93 -13.65
N PRO B 12 -15.10 17.66 -13.31
CA PRO B 12 -14.28 16.87 -12.36
C PRO B 12 -12.79 16.80 -12.74
N GLY B 13 -11.94 16.74 -11.72
CA GLY B 13 -10.49 16.87 -11.91
C GLY B 13 -10.00 18.30 -11.91
N THR B 14 -10.81 19.23 -11.40
CA THR B 14 -10.42 20.65 -11.30
C THR B 14 -10.90 21.28 -9.99
N PHE B 15 -10.37 22.47 -9.73
CA PHE B 15 -10.90 23.37 -8.70
C PHE B 15 -11.03 24.77 -9.27
N CYS B 16 -11.88 25.58 -8.64
CA CYS B 16 -12.17 26.93 -9.09
C CYS B 16 -12.58 27.81 -7.93
N ARG B 17 -12.00 29.00 -7.84
CA ARG B 17 -12.43 30.03 -6.87
C ARG B 17 -13.22 31.12 -7.60
N LYS B 18 -14.27 31.61 -6.95
CA LYS B 18 -15.23 32.54 -7.57
C LYS B 18 -14.61 33.88 -7.98
N TYR B 19 -13.81 34.45 -7.09
CA TYR B 19 -13.20 35.77 -7.31
C TYR B 19 -12.19 35.79 -8.47
N ASN B 20 -11.49 34.67 -8.68
CA ASN B 20 -10.58 34.49 -9.82
C ASN B 20 -10.98 33.19 -10.55
N PRO B 21 -12.00 33.25 -11.43
CA PRO B 21 -12.52 32.02 -12.03
C PRO B 21 -11.67 31.47 -13.19
N VAL B 22 -10.90 30.42 -12.89
CA VAL B 22 -10.13 29.66 -13.88
C VAL B 22 -10.22 28.18 -13.49
N CYS B 23 -10.53 27.31 -14.46
CA CYS B 23 -10.58 25.86 -14.20
C CYS B 23 -9.16 25.29 -14.13
N LYS B 24 -8.51 25.45 -12.97
CA LYS B 24 -7.18 24.87 -12.72
C LYS B 24 -7.34 23.38 -12.36
N SER B 25 -6.46 22.55 -12.90
CA SER B 25 -6.47 21.11 -12.62
C SER B 25 -5.95 20.80 -11.22
N CYS B 26 -6.51 19.76 -10.60
CA CYS B 26 -6.05 19.29 -9.29
C CYS B 26 -4.61 18.84 -9.37
N PRO B 27 -3.74 19.32 -8.45
CA PRO B 27 -2.33 18.90 -8.51
C PRO B 27 -2.14 17.46 -8.02
N PRO B 28 -0.94 16.88 -8.22
CA PRO B 28 -0.69 15.49 -7.80
C PRO B 28 -0.93 15.21 -6.31
N SER B 29 -1.39 14.00 -6.04
CA SER B 29 -1.85 13.55 -4.71
C SER B 29 -3.18 14.18 -4.26
N THR B 30 -3.89 14.84 -5.17
CA THR B 30 -5.22 15.40 -4.88
C THR B 30 -6.22 15.03 -5.97
N PHE B 31 -7.50 15.14 -5.63
CA PHE B 31 -8.59 14.86 -6.55
C PHE B 31 -9.80 15.74 -6.25
N SER B 32 -10.67 15.89 -7.24
CA SER B 32 -12.01 16.45 -7.03
C SER B 32 -13.02 15.46 -7.63
N SER B 33 -13.90 14.95 -6.77
CA SER B 33 -14.91 13.97 -7.16
C SER B 33 -15.95 14.59 -8.11
N ILE B 34 -16.24 15.88 -7.91
CA ILE B 34 -17.04 16.66 -8.85
C ILE B 34 -16.41 18.04 -9.07
N GLY B 35 -16.72 18.65 -10.20
CA GLY B 35 -16.14 19.94 -10.57
C GLY B 35 -16.69 21.12 -9.81
N GLY B 36 -16.03 22.27 -9.98
CA GLY B 36 -16.49 23.54 -9.43
C GLY B 36 -16.47 23.61 -7.91
N GLN B 37 -15.35 23.19 -7.32
CA GLN B 37 -15.15 23.28 -5.87
C GLN B 37 -13.99 24.23 -5.58
N PRO B 38 -13.96 24.82 -4.37
CA PRO B 38 -12.89 25.79 -4.04
C PRO B 38 -11.48 25.20 -4.11
N ASN B 39 -11.33 23.96 -3.66
CA ASN B 39 -10.07 23.21 -3.80
C ASN B 39 -10.32 21.72 -4.05
N CYS B 40 -9.24 20.96 -4.22
CA CYS B 40 -9.29 19.52 -4.36
C CYS B 40 -9.02 18.87 -3.00
N ASN B 41 -9.57 17.67 -2.79
CA ASN B 41 -9.32 16.89 -1.57
C ASN B 41 -8.02 16.11 -1.69
N ILE B 42 -7.48 15.69 -0.56
CA ILE B 42 -6.24 14.94 -0.51
C ILE B 42 -6.51 13.46 -0.79
N CYS B 43 -5.65 12.82 -1.56
CA CYS B 43 -5.80 11.38 -1.87
C CYS B 43 -5.56 10.52 -0.64
N ARG B 44 -6.37 9.49 -0.49
CA ARG B 44 -6.26 8.54 0.60
C ARG B 44 -5.04 7.66 0.40
N VAL B 45 -4.40 7.28 1.50
CA VAL B 45 -3.24 6.36 1.46
C VAL B 45 -3.61 5.03 2.11
N CYS B 46 -3.01 3.96 1.61
CA CYS B 46 -3.32 2.60 2.04
C CYS B 46 -2.00 1.86 2.27
N ALA B 47 -1.54 1.84 3.52
CA ALA B 47 -0.34 1.13 3.93
C ALA B 47 -0.64 0.18 5.09
N GLY B 48 0.38 -0.59 5.48
CA GLY B 48 0.30 -1.48 6.63
C GLY B 48 -0.69 -2.60 6.43
N TYR B 49 -1.73 -2.64 7.28
CA TYR B 49 -2.83 -3.59 7.11
C TYR B 49 -3.77 -3.24 5.95
N PHE B 50 -3.66 -2.02 5.41
CA PHE B 50 -4.43 -1.61 4.23
C PHE B 50 -3.61 -1.68 2.94
N ARG B 51 -4.31 -1.90 1.83
CA ARG B 51 -3.73 -1.90 0.50
C ARG B 51 -4.73 -1.30 -0.48
N PHE B 52 -4.23 -0.84 -1.63
CA PHE B 52 -5.08 -0.17 -2.61
C PHE B 52 -5.97 -1.16 -3.36
N LYS B 53 -7.28 -0.99 -3.22
CA LYS B 53 -8.28 -1.62 -4.09
C LYS B 53 -8.43 -0.78 -5.36
N LYS B 54 -8.21 0.52 -5.23
CA LYS B 54 -8.29 1.46 -6.33
C LYS B 54 -7.29 2.60 -6.09
N PHE B 55 -6.50 2.94 -7.11
CA PHE B 55 -5.52 4.03 -6.99
C PHE B 55 -6.20 5.39 -7.15
N CYS B 56 -5.47 6.45 -6.84
CA CYS B 56 -5.99 7.81 -6.96
C CYS B 56 -5.81 8.32 -8.38
N SER B 57 -6.58 9.34 -8.72
CA SER B 57 -6.35 10.14 -9.91
C SER B 57 -7.00 11.49 -9.70
N SER B 58 -6.84 12.39 -10.67
CA SER B 58 -7.45 13.72 -10.60
C SER B 58 -8.96 13.68 -10.35
N THR B 59 -9.65 12.67 -10.88
CA THR B 59 -11.13 12.59 -10.82
C THR B 59 -11.73 11.64 -9.77
N HIS B 60 -10.94 10.76 -9.17
CA HIS B 60 -11.44 9.85 -8.13
C HIS B 60 -10.42 9.58 -7.02
N ASN B 61 -10.93 9.39 -5.80
CA ASN B 61 -10.10 9.05 -4.67
C ASN B 61 -9.66 7.59 -4.77
N ALA B 62 -8.55 7.31 -4.13
CA ALA B 62 -8.15 5.94 -3.89
C ALA B 62 -9.14 5.31 -2.91
N GLU B 63 -9.21 3.98 -2.94
CA GLU B 63 -10.04 3.21 -2.03
C GLU B 63 -9.19 2.10 -1.44
N CYS B 64 -9.22 1.97 -0.11
CA CYS B 64 -8.43 0.95 0.58
C CYS B 64 -9.17 -0.37 0.70
N GLU B 65 -8.37 -1.42 0.87
CA GLU B 65 -8.83 -2.78 1.12
C GLU B 65 -7.90 -3.31 2.20
N CYS B 66 -8.30 -4.39 2.86
CA CYS B 66 -7.43 -5.01 3.85
C CYS B 66 -6.48 -6.00 3.18
N ILE B 67 -5.32 -6.21 3.79
CA ILE B 67 -4.31 -7.15 3.28
C ILE B 67 -4.77 -8.60 3.40
N GLU B 68 -4.02 -9.49 2.73
CA GLU B 68 -4.27 -10.93 2.71
C GLU B 68 -4.50 -11.51 4.11
N GLY B 69 -5.53 -12.34 4.24
CA GLY B 69 -5.91 -12.93 5.53
C GLY B 69 -6.74 -12.04 6.44
N PHE B 70 -7.06 -10.83 5.99
CA PHE B 70 -7.89 -9.88 6.72
C PHE B 70 -9.05 -9.41 5.84
N HIS B 71 -10.06 -8.81 6.46
CA HIS B 71 -11.22 -8.24 5.73
C HIS B 71 -11.62 -6.91 6.37
N CYS B 72 -12.26 -6.05 5.59
CA CYS B 72 -12.73 -4.76 6.10
C CYS B 72 -13.77 -4.93 7.20
N LEU B 73 -13.79 -3.97 8.11
CA LEU B 73 -14.72 -3.95 9.24
C LEU B 73 -15.17 -2.50 9.39
N GLY B 74 -16.48 -2.28 9.29
CA GLY B 74 -17.06 -0.93 9.23
C GLY B 74 -17.35 -0.50 7.80
N PRO B 75 -18.16 0.56 7.63
CA PRO B 75 -18.62 0.98 6.31
C PRO B 75 -17.53 1.54 5.39
N GLN B 76 -16.57 2.27 5.96
CA GLN B 76 -15.48 2.90 5.20
C GLN B 76 -14.15 2.14 5.29
N CYS B 77 -14.19 0.88 5.75
CA CYS B 77 -12.99 0.05 5.93
C CYS B 77 -11.94 0.78 6.79
N THR B 78 -12.34 1.16 8.00
CA THR B 78 -11.46 1.87 8.93
C THR B 78 -10.64 0.93 9.83
N ARG B 79 -11.09 -0.32 9.97
CA ARG B 79 -10.37 -1.36 10.69
C ARG B 79 -10.25 -2.59 9.82
N CYS B 80 -9.21 -3.38 10.06
CA CYS B 80 -9.09 -4.71 9.47
C CYS B 80 -9.31 -5.76 10.55
N GLU B 81 -9.97 -6.85 10.18
CA GLU B 81 -10.20 -7.98 11.09
C GLU B 81 -9.62 -9.24 10.46
N LYS B 82 -8.87 -9.99 11.27
CA LYS B 82 -8.32 -11.31 10.89
C LYS B 82 -9.45 -12.20 10.41
N ASP B 83 -9.21 -12.94 9.32
CA ASP B 83 -10.25 -13.81 8.77
C ASP B 83 -10.71 -14.87 9.78
N CYS B 84 -11.99 -15.23 9.68
CA CYS B 84 -12.67 -16.06 10.67
C CYS B 84 -12.18 -17.50 10.65
N ARG B 85 -12.23 -18.15 11.80
CA ARG B 85 -11.81 -19.54 11.97
C ARG B 85 -13.02 -20.47 11.80
N PRO B 86 -12.80 -21.79 11.83
CA PRO B 86 -13.95 -22.70 11.92
C PRO B 86 -14.78 -22.44 13.18
N GLY B 87 -16.10 -22.62 13.05
CA GLY B 87 -17.04 -22.28 14.11
C GLY B 87 -17.51 -20.84 14.09
N GLN B 88 -17.17 -20.10 13.04
CA GLN B 88 -17.56 -18.70 12.85
C GLN B 88 -17.95 -18.47 11.41
N GLU B 89 -18.67 -17.37 11.18
CA GLU B 89 -18.93 -16.86 9.82
C GLU B 89 -18.64 -15.37 9.78
N LEU B 90 -18.45 -14.83 8.58
CA LEU B 90 -18.25 -13.40 8.39
C LEU B 90 -19.60 -12.72 8.15
N THR B 91 -20.05 -11.93 9.12
CA THR B 91 -21.24 -11.09 8.97
C THR B 91 -20.84 -9.70 8.46
N LYS B 92 -21.84 -8.85 8.25
CA LYS B 92 -21.60 -7.42 7.96
C LYS B 92 -20.91 -6.69 9.12
N GLN B 93 -21.09 -7.19 10.34
CA GLN B 93 -20.52 -6.59 11.55
C GLN B 93 -19.29 -7.35 12.12
N GLY B 94 -18.70 -8.25 11.33
CA GLY B 94 -17.46 -8.95 11.71
C GLY B 94 -17.62 -10.45 11.83
N CYS B 95 -16.68 -11.09 12.53
CA CYS B 95 -16.72 -12.54 12.74
C CYS B 95 -17.62 -12.82 13.92
N LYS B 96 -18.68 -13.59 13.70
CA LYS B 96 -19.61 -14.01 14.74
C LYS B 96 -19.61 -15.53 14.86
N THR B 97 -19.58 -16.03 16.08
CA THR B 97 -19.64 -17.47 16.34
C THR B 97 -20.96 -18.05 15.86
N CYS B 98 -20.91 -19.23 15.26
CA CYS B 98 -22.13 -19.95 14.85
C CYS B 98 -22.96 -20.22 16.10
N SER B 99 -24.25 -19.91 16.05
CA SER B 99 -25.14 -20.11 17.19
C SER B 99 -25.50 -21.59 17.35
N LEU B 100 -25.90 -21.96 18.57
CA LEU B 100 -26.25 -23.35 18.92
C LEU B 100 -27.18 -23.99 17.89
N GLY B 101 -26.80 -25.17 17.40
CA GLY B 101 -27.53 -25.87 16.34
C GLY B 101 -26.90 -25.76 14.96
N THR B 102 -26.07 -24.75 14.74
CA THR B 102 -25.42 -24.55 13.44
C THR B 102 -23.93 -24.81 13.51
N PHE B 103 -23.32 -25.01 12.34
CA PHE B 103 -21.88 -25.25 12.23
C PHE B 103 -21.25 -24.64 10.98
N ASN B 104 -19.96 -24.33 11.07
CA ASN B 104 -19.14 -24.03 9.91
C ASN B 104 -17.78 -24.72 10.08
N ASP B 105 -17.47 -25.61 9.13
CA ASP B 105 -16.23 -26.42 9.15
C ASP B 105 -15.07 -25.80 8.36
N GLN B 106 -15.32 -24.68 7.68
CA GLN B 106 -14.33 -24.07 6.82
C GLN B 106 -13.57 -22.93 7.51
N ASN B 107 -12.28 -22.84 7.20
CA ASN B 107 -11.39 -21.82 7.74
C ASN B 107 -11.38 -20.63 6.79
N GLY B 108 -11.73 -19.44 7.28
CA GLY B 108 -11.66 -18.21 6.49
C GLY B 108 -12.72 -18.02 5.41
N THR B 109 -13.66 -18.95 5.30
CA THR B 109 -14.68 -18.91 4.26
C THR B 109 -15.94 -19.64 4.74
N GLY B 110 -17.05 -19.47 4.02
CA GLY B 110 -18.27 -20.22 4.27
C GLY B 110 -19.24 -19.61 5.28
N VAL B 111 -20.43 -20.20 5.33
CA VAL B 111 -21.56 -19.75 6.15
C VAL B 111 -21.82 -20.78 7.25
N CYS B 112 -22.45 -20.36 8.35
CA CYS B 112 -22.98 -21.29 9.34
C CYS B 112 -24.22 -21.97 8.77
N ARG B 113 -24.24 -23.29 8.81
CA ARG B 113 -25.36 -24.10 8.32
C ARG B 113 -25.94 -24.94 9.47
N PRO B 114 -27.20 -25.39 9.35
CA PRO B 114 -27.76 -26.26 10.38
C PRO B 114 -27.14 -27.67 10.38
N TRP B 115 -27.07 -28.29 11.57
CA TRP B 115 -26.65 -29.70 11.68
C TRP B 115 -27.54 -30.60 10.83
N THR B 116 -26.93 -31.57 10.14
CA THR B 116 -27.69 -32.54 9.35
C THR B 116 -28.54 -33.40 10.28
N ASN B 117 -29.84 -33.46 10.00
CA ASN B 117 -30.80 -34.22 10.79
C ASN B 117 -30.77 -35.67 10.28
N CYS B 118 -30.17 -36.56 11.07
CA CYS B 118 -30.03 -37.98 10.69
C CYS B 118 -31.38 -38.73 10.65
N SER B 119 -32.37 -38.26 11.40
CA SER B 119 -33.67 -38.94 11.49
C SER B 119 -34.61 -38.74 10.28
N LEU B 120 -34.21 -37.94 9.29
CA LEU B 120 -34.95 -37.86 8.02
C LEU B 120 -34.93 -39.21 7.30
N ASP B 121 -33.72 -39.74 7.12
CA ASP B 121 -33.53 -41.14 6.70
C ASP B 121 -33.80 -42.04 7.90
N GLY B 122 -33.60 -43.35 7.74
CA GLY B 122 -33.60 -44.28 8.87
C GLY B 122 -32.24 -44.39 9.55
N ARG B 123 -31.54 -43.27 9.70
CA ARG B 123 -30.15 -43.25 10.16
C ARG B 123 -30.03 -42.73 11.58
N SER B 124 -29.13 -43.33 12.34
CA SER B 124 -28.85 -42.91 13.73
C SER B 124 -27.71 -41.89 13.73
N VAL B 125 -27.45 -41.33 14.92
CA VAL B 125 -26.34 -40.40 15.12
C VAL B 125 -25.13 -41.18 15.63
N LEU B 126 -23.99 -41.06 14.93
CA LEU B 126 -22.71 -41.62 15.40
C LEU B 126 -21.88 -40.62 16.18
N LYS B 127 -21.87 -39.35 15.74
CA LYS B 127 -21.19 -38.26 16.46
C LYS B 127 -22.05 -37.01 16.49
N THR B 128 -22.08 -36.33 17.64
CA THR B 128 -22.85 -35.09 17.80
C THR B 128 -22.12 -33.91 17.16
N GLY B 129 -22.84 -32.79 17.02
CA GLY B 129 -22.32 -31.60 16.36
C GLY B 129 -21.76 -30.56 17.32
N THR B 130 -20.81 -29.77 16.81
CA THR B 130 -20.31 -28.58 17.49
C THR B 130 -20.46 -27.39 16.51
N THR B 131 -19.90 -26.25 16.88
CA THR B 131 -19.81 -25.11 15.95
C THR B 131 -18.87 -25.37 14.76
N GLU B 132 -17.86 -26.23 14.98
CA GLU B 132 -16.86 -26.56 13.95
C GLU B 132 -17.16 -27.81 13.15
N LYS B 133 -17.88 -28.78 13.73
CA LYS B 133 -18.07 -30.08 13.10
C LYS B 133 -19.54 -30.47 13.01
N ASP B 134 -19.91 -31.04 11.86
CA ASP B 134 -21.28 -31.47 11.61
C ASP B 134 -21.57 -32.74 12.38
N VAL B 135 -22.85 -33.02 12.56
CA VAL B 135 -23.31 -34.32 13.06
C VAL B 135 -22.90 -35.37 12.02
N VAL B 136 -22.31 -36.47 12.47
CA VAL B 136 -21.97 -37.60 11.61
C VAL B 136 -23.03 -38.68 11.83
N CYS B 137 -23.73 -39.08 10.77
CA CYS B 137 -24.82 -40.05 10.85
C CYS B 137 -24.35 -41.48 10.59
N GLY B 138 -25.21 -42.43 10.95
CA GLY B 138 -24.92 -43.87 10.82
C GLY B 138 -25.10 -44.40 9.41
N PRO B 139 -24.93 -45.74 9.25
CA PRO B 139 -25.02 -46.35 7.92
C PRO B 139 -26.47 -46.43 7.39
N LEU B 140 -26.61 -46.31 6.06
CA LEU B 140 -27.91 -46.49 5.40
C LEU B 140 -28.26 -47.97 5.32
C1 NAG C . 25.78 37.09 -18.42
C2 NAG C . 26.80 35.98 -18.74
C3 NAG C . 27.52 36.14 -20.10
C4 NAG C . 26.65 36.75 -21.20
C5 NAG C . 25.95 37.99 -20.65
C6 NAG C . 25.16 38.77 -21.71
C7 NAG C . 27.65 35.23 -16.54
C8 NAG C . 28.78 35.34 -15.58
N2 NAG C . 27.78 35.94 -17.67
O3 NAG C . 27.99 34.86 -20.53
O4 NAG C . 27.47 37.10 -22.32
O5 NAG C . 25.09 37.56 -19.59
O6 NAG C . 24.29 37.91 -22.45
O7 NAG C . 26.67 34.53 -16.30
C1 EDO D . 2.02 -8.61 10.37
O1 EDO D . 3.16 -7.76 10.50
C2 EDO D . 2.14 -9.46 9.11
O2 EDO D . 0.85 -9.63 8.51
C1 EDO E . 19.15 5.02 14.57
O1 EDO E . 19.49 5.97 13.57
C2 EDO E . 18.30 3.91 13.95
O2 EDO E . 19.09 3.07 13.09
C1 NAG F . -6.71 -21.27 9.47
C2 NAG F . -5.72 -22.35 9.93
C3 NAG F . -4.45 -21.78 10.55
C4 NAG F . -3.91 -20.59 9.76
C5 NAG F . -5.03 -19.57 9.53
C6 NAG F . -4.56 -18.29 8.86
C7 NAG F . -6.80 -24.47 10.76
C8 NAG F . -6.48 -25.24 9.49
N2 NAG F . -6.43 -23.19 10.90
O3 NAG F . -3.44 -22.78 10.66
O4 NAG F . -2.80 -19.99 10.47
O5 NAG F . -6.04 -20.21 8.75
O6 NAG F . -3.93 -18.57 7.61
O7 NAG F . -7.40 -25.04 11.66
C1 EDO G . -7.36 3.83 5.72
O1 EDO G . -6.83 3.99 7.05
C2 EDO G . -8.89 3.79 5.79
O2 EDO G . -9.39 3.04 4.68
#